data_9DNA
# 
_entry.id   9DNA 
# 
_audit_conform.dict_name       mmcif_pdbx.dic 
_audit_conform.dict_version    5.386 
_audit_conform.dict_location   http://mmcif.pdb.org/dictionaries/ascii/mmcif_pdbx.dic 
# 
loop_
_database_2.database_id 
_database_2.database_code 
_database_2.pdbx_database_accession 
_database_2.pdbx_DOI 
PDB   9DNA         pdb_00009dna 10.2210/pdb9dna/pdb 
RCSB  ADH008       ?            ?                   
WWPDB D_1000180034 ?            ?                   
# 
loop_
_pdbx_audit_revision_history.ordinal 
_pdbx_audit_revision_history.data_content_type 
_pdbx_audit_revision_history.major_revision 
_pdbx_audit_revision_history.minor_revision 
_pdbx_audit_revision_history.revision_date 
1 'Structure model' 1 0 1988-01-16 
2 'Structure model' 1 1 2008-05-22 
3 'Structure model' 1 2 2011-07-13 
4 'Structure model' 1 3 2024-02-14 
# 
_pdbx_audit_revision_details.ordinal             1 
_pdbx_audit_revision_details.revision_ordinal    1 
_pdbx_audit_revision_details.data_content_type   'Structure model' 
_pdbx_audit_revision_details.provider            repository 
_pdbx_audit_revision_details.type                'Initial release' 
_pdbx_audit_revision_details.description         ? 
_pdbx_audit_revision_details.details             ? 
# 
loop_
_pdbx_audit_revision_group.ordinal 
_pdbx_audit_revision_group.revision_ordinal 
_pdbx_audit_revision_group.data_content_type 
_pdbx_audit_revision_group.group 
1 2 'Structure model' 'Version format compliance' 
2 3 'Structure model' 'Version format compliance' 
3 4 'Structure model' 'Data collection'           
4 4 'Structure model' 'Database references'       
# 
loop_
_pdbx_audit_revision_category.ordinal 
_pdbx_audit_revision_category.revision_ordinal 
_pdbx_audit_revision_category.data_content_type 
_pdbx_audit_revision_category.category 
1 4 'Structure model' chem_comp_atom 
2 4 'Structure model' chem_comp_bond 
3 4 'Structure model' database_2     
# 
loop_
_pdbx_audit_revision_item.ordinal 
_pdbx_audit_revision_item.revision_ordinal 
_pdbx_audit_revision_item.data_content_type 
_pdbx_audit_revision_item.item 
1 4 'Structure model' '_database_2.pdbx_DOI'                
2 4 'Structure model' '_database_2.pdbx_database_accession' 
# 
_pdbx_database_status.status_code                     REL 
_pdbx_database_status.entry_id                        9DNA 
_pdbx_database_status.recvd_initial_deposition_date   1987-07-10 
_pdbx_database_status.deposit_site                    BNL 
_pdbx_database_status.process_site                    BNL 
_pdbx_database_status.status_code_sf                  REL 
_pdbx_database_status.status_code_mr                  ? 
_pdbx_database_status.SG_entry                        ? 
_pdbx_database_status.pdb_format_compatible           Y 
_pdbx_database_status.status_code_cs                  ? 
_pdbx_database_status.status_code_nmr_data            ? 
_pdbx_database_status.methods_development_category    ? 
# 
_audit_author.name           'Heinemann, U.' 
_audit_author.pdbx_ordinal   1 
# 
_citation.id                        primary 
_citation.title                     'Crystal structure analysis of an A-DNA fragment at 1.8 A resolution: d(GCCCGGGC).' 
_citation.journal_abbrev            'Nucleic Acids Res.' 
_citation.journal_volume            15 
_citation.page_first                9531 
_citation.page_last                 9550 
_citation.year                      1987 
_citation.journal_id_ASTM           NARHAD 
_citation.country                   UK 
_citation.journal_id_ISSN           0305-1048 
_citation.journal_id_CSD            0389 
_citation.book_publisher            ? 
_citation.pdbx_database_id_PubMed   3684603 
_citation.pdbx_database_id_DOI      10.1093/nar/15.22.9531 
# 
loop_
_citation_author.citation_id 
_citation_author.name 
_citation_author.ordinal 
_citation_author.identifier_ORCID 
primary 'Heinemann, U.' 1 ? 
primary 'Lauble, H.'    2 ? 
primary 'Frank, R.'     3 ? 
primary 'Blocker, H.'   4 ? 
# 
loop_
_entity.id 
_entity.type 
_entity.src_method 
_entity.pdbx_description 
_entity.formula_weight 
_entity.pdbx_number_of_molecules 
_entity.pdbx_ec 
_entity.pdbx_mutation 
_entity.pdbx_fragment 
_entity.details 
1 polymer syn 
;DNA (5'-D(*GP*CP*CP*CP*GP*GP*GP*C)-3')
;
2428.593 1  ? ? ? ? 
2 water   nat water                                    18.015   34 ? ? ? ? 
# 
_entity_poly.entity_id                      1 
_entity_poly.type                           polydeoxyribonucleotide 
_entity_poly.nstd_linkage                   no 
_entity_poly.nstd_monomer                   no 
_entity_poly.pdbx_seq_one_letter_code       '(DG)(DC)(DC)(DC)(DG)(DG)(DG)(DC)' 
_entity_poly.pdbx_seq_one_letter_code_can   GCCCGGGC 
_entity_poly.pdbx_strand_id                 A 
_entity_poly.pdbx_target_identifier         ? 
# 
_pdbx_entity_nonpoly.entity_id   2 
_pdbx_entity_nonpoly.name        water 
_pdbx_entity_nonpoly.comp_id     HOH 
# 
loop_
_entity_poly_seq.entity_id 
_entity_poly_seq.num 
_entity_poly_seq.mon_id 
_entity_poly_seq.hetero 
1 1 DG n 
1 2 DC n 
1 3 DC n 
1 4 DC n 
1 5 DG n 
1 6 DG n 
1 7 DG n 
1 8 DC n 
# 
loop_
_chem_comp.id 
_chem_comp.type 
_chem_comp.mon_nstd_flag 
_chem_comp.name 
_chem_comp.pdbx_synonyms 
_chem_comp.formula 
_chem_comp.formula_weight 
DC  'DNA linking' y "2'-DEOXYCYTIDINE-5'-MONOPHOSPHATE"  ? 'C9 H14 N3 O7 P'  307.197 
DG  'DNA linking' y "2'-DEOXYGUANOSINE-5'-MONOPHOSPHATE" ? 'C10 H14 N5 O7 P' 347.221 
HOH non-polymer   . WATER                                ? 'H2 O'            18.015  
# 
loop_
_pdbx_poly_seq_scheme.asym_id 
_pdbx_poly_seq_scheme.entity_id 
_pdbx_poly_seq_scheme.seq_id 
_pdbx_poly_seq_scheme.mon_id 
_pdbx_poly_seq_scheme.ndb_seq_num 
_pdbx_poly_seq_scheme.pdb_seq_num 
_pdbx_poly_seq_scheme.auth_seq_num 
_pdbx_poly_seq_scheme.pdb_mon_id 
_pdbx_poly_seq_scheme.auth_mon_id 
_pdbx_poly_seq_scheme.pdb_strand_id 
_pdbx_poly_seq_scheme.pdb_ins_code 
_pdbx_poly_seq_scheme.hetero 
A 1 1 DG 1 1 1 DG G A . n 
A 1 2 DC 2 2 2 DC C A . n 
A 1 3 DC 3 3 3 DC C A . n 
A 1 4 DC 4 4 4 DC C A . n 
A 1 5 DG 5 5 5 DG G A . n 
A 1 6 DG 6 6 6 DG G A . n 
A 1 7 DG 7 7 7 DG G A . n 
A 1 8 DC 8 8 8 DC C A . n 
# 
loop_
_pdbx_nonpoly_scheme.asym_id 
_pdbx_nonpoly_scheme.entity_id 
_pdbx_nonpoly_scheme.mon_id 
_pdbx_nonpoly_scheme.ndb_seq_num 
_pdbx_nonpoly_scheme.pdb_seq_num 
_pdbx_nonpoly_scheme.auth_seq_num 
_pdbx_nonpoly_scheme.pdb_mon_id 
_pdbx_nonpoly_scheme.auth_mon_id 
_pdbx_nonpoly_scheme.pdb_strand_id 
_pdbx_nonpoly_scheme.pdb_ins_code 
B 2 HOH 1  9  9  HOH HOH A . 
B 2 HOH 2  10 10 HOH HOH A . 
B 2 HOH 3  11 11 HOH HOH A . 
B 2 HOH 4  12 12 HOH HOH A . 
B 2 HOH 5  13 13 HOH HOH A . 
B 2 HOH 6  14 14 HOH HOH A . 
B 2 HOH 7  15 15 HOH HOH A . 
B 2 HOH 8  16 16 HOH HOH A . 
B 2 HOH 9  17 17 HOH HOH A . 
B 2 HOH 10 18 18 HOH HOH A . 
B 2 HOH 11 19 19 HOH HOH A . 
B 2 HOH 12 20 20 HOH HOH A . 
B 2 HOH 13 21 21 HOH HOH A . 
B 2 HOH 14 22 22 HOH HOH A . 
B 2 HOH 15 23 23 HOH HOH A . 
B 2 HOH 16 24 24 HOH HOH A . 
B 2 HOH 17 25 25 HOH HOH A . 
B 2 HOH 18 26 26 HOH HOH A . 
B 2 HOH 19 27 27 HOH HOH A . 
B 2 HOH 20 28 28 HOH HOH A . 
B 2 HOH 21 29 29 HOH HOH A . 
B 2 HOH 22 30 30 HOH HOH A . 
B 2 HOH 23 31 31 HOH HOH A . 
B 2 HOH 24 32 32 HOH HOH A . 
B 2 HOH 25 33 33 HOH HOH A . 
B 2 HOH 26 34 34 HOH HOH A . 
B 2 HOH 27 35 35 HOH HOH A . 
B 2 HOH 28 36 36 HOH HOH A . 
B 2 HOH 29 37 37 HOH HOH A . 
B 2 HOH 30 38 38 HOH HOH A . 
B 2 HOH 31 39 39 HOH HOH A . 
B 2 HOH 32 40 40 HOH HOH A . 
B 2 HOH 33 41 41 HOH HOH A . 
B 2 HOH 34 42 42 HOH HOH A . 
# 
_software.name             NUCLSQ 
_software.classification   refinement 
_software.version          . 
_software.citation_id      ? 
_software.pdbx_ordinal     1 
# 
_cell.entry_id           9DNA 
_cell.length_a           43.250 
_cell.length_b           43.250 
_cell.length_c           24.610 
_cell.angle_alpha        90.00 
_cell.angle_beta         90.00 
_cell.angle_gamma        90.00 
_cell.Z_PDB              8 
_cell.pdbx_unique_axis   ? 
# 
_symmetry.entry_id                         9DNA 
_symmetry.space_group_name_H-M             'P 43 21 2' 
_symmetry.pdbx_full_space_group_name_H-M   ? 
_symmetry.cell_setting                     ? 
_symmetry.Int_Tables_number                96 
# 
_exptl.entry_id          9DNA 
_exptl.method            'X-RAY DIFFRACTION' 
_exptl.crystals_number   ? 
# 
_exptl_crystal.id                    1 
_exptl_crystal.density_meas          ? 
_exptl_crystal.density_Matthews      2.37 
_exptl_crystal.density_percent_sol   48.09 
_exptl_crystal.description           ? 
# 
_exptl_crystal_grow.crystal_id      1 
_exptl_crystal_grow.method          MICRODIALYSIS 
_exptl_crystal_grow.temp            ? 
_exptl_crystal_grow.temp_details    'ROOM TEMPERATURE' 
_exptl_crystal_grow.pH              ? 
_exptl_crystal_grow.pdbx_details    MICRODIALYSIS 
_exptl_crystal_grow.pdbx_pH_range   ? 
# 
loop_
_exptl_crystal_grow_comp.crystal_id 
_exptl_crystal_grow_comp.id 
_exptl_crystal_grow_comp.sol_id 
_exptl_crystal_grow_comp.name 
_exptl_crystal_grow_comp.volume 
_exptl_crystal_grow_comp.conc 
_exptl_crystal_grow_comp.details 
1 1 1 WATER                ? ? ? 
1 2 1 'MPD OR ISOPROPANOL' ? ? ? 
1 3 1 BIS-TRIS-PROPANE_HCL ? ? ? 
1 4 1 'NA CACODYLATE'      ? ? ? 
1 5 1 MGCL2                ? ? ? 
1 6 2 WATER                ? ? ? 
1 7 2 'MPD OR ISOPROPANOL' ? ? ? 
# 
_diffrn.id                     1 
_diffrn.ambient_temp           ? 
_diffrn.ambient_temp_details   'ROOM TEMPERATURE' 
_diffrn.crystal_id             1 
# 
_diffrn_detector.diffrn_id              1 
_diffrn_detector.detector               DIFFRACTOMETER 
_diffrn_detector.type                   STOE 
_diffrn_detector.pdbx_collection_date   ? 
_diffrn_detector.details                ? 
# 
_diffrn_radiation.diffrn_id                        1 
_diffrn_radiation.wavelength_id                    1 
_diffrn_radiation.pdbx_monochromatic_or_laue_m_l   ? 
_diffrn_radiation.monochromator                    ? 
_diffrn_radiation.pdbx_diffrn_protocol             ? 
_diffrn_radiation.pdbx_scattering_type             x-ray 
# 
_diffrn_radiation_wavelength.id           1 
_diffrn_radiation_wavelength.wavelength   1.5418 
_diffrn_radiation_wavelength.wt           1.0 
# 
_diffrn_source.diffrn_id                   1 
_diffrn_source.source                      'SEALED TUBE' 
_diffrn_source.type                        ? 
_diffrn_source.pdbx_synchrotron_site       ? 
_diffrn_source.pdbx_synchrotron_beamline   ? 
_diffrn_source.pdbx_wavelength             1.5418 
_diffrn_source.pdbx_wavelength_list        ? 
# 
_reflns.entry_id                     9DNA 
_reflns.observed_criterion_sigma_I   1.000 
_reflns.observed_criterion_sigma_F   ? 
_reflns.d_resolution_low             ? 
_reflns.d_resolution_high            1.800 
_reflns.number_obs                   1553 
_reflns.number_all                   2599 
_reflns.percent_possible_obs         ? 
_reflns.pdbx_Rmerge_I_obs            ? 
_reflns.pdbx_Rsym_value              ? 
_reflns.pdbx_netI_over_sigmaI        ? 
_reflns.B_iso_Wilson_estimate        ? 
_reflns.pdbx_redundancy              ? 
_reflns.pdbx_diffrn_id               1 
_reflns.pdbx_ordinal                 1 
# 
_refine.entry_id                                 9DNA 
_refine.ls_number_reflns_obs                     1359 
_refine.ls_number_reflns_all                     ? 
_refine.pdbx_ls_sigma_I                          ? 
_refine.pdbx_ls_sigma_F                          3.000 
_refine.pdbx_data_cutoff_high_absF               ? 
_refine.pdbx_data_cutoff_low_absF                ? 
_refine.pdbx_data_cutoff_high_rms_absF           ? 
_refine.ls_d_res_low                             6.000 
_refine.ls_d_res_high                            1.800 
_refine.ls_percent_reflns_obs                    ? 
_refine.ls_R_factor_obs                          0.1710000 
_refine.ls_R_factor_all                          ? 
_refine.ls_R_factor_R_work                       ? 
_refine.ls_R_factor_R_free                       ? 
_refine.ls_R_factor_R_free_error                 ? 
_refine.ls_R_factor_R_free_error_details         ? 
_refine.ls_percent_reflns_R_free                 ? 
_refine.ls_number_reflns_R_free                  ? 
_refine.ls_number_parameters                     ? 
_refine.ls_number_restraints                     ? 
_refine.occupancy_min                            ? 
_refine.occupancy_max                            ? 
_refine.B_iso_mean                               ? 
_refine.aniso_B[1][1]                            ? 
_refine.aniso_B[2][2]                            ? 
_refine.aniso_B[3][3]                            ? 
_refine.aniso_B[1][2]                            ? 
_refine.aniso_B[1][3]                            ? 
_refine.aniso_B[2][3]                            ? 
_refine.solvent_model_details                    ? 
_refine.solvent_model_param_ksol                 ? 
_refine.solvent_model_param_bsol                 ? 
_refine.pdbx_ls_cross_valid_method               ? 
_refine.details                                  ? 
_refine.pdbx_starting_model                      ? 
_refine.pdbx_method_to_determine_struct          ? 
_refine.pdbx_isotropic_thermal_model             ? 
_refine.pdbx_stereochemistry_target_values       ? 
_refine.pdbx_stereochem_target_val_spec_case     ? 
_refine.pdbx_R_Free_selection_details            ? 
_refine.pdbx_overall_ESU_R                       ? 
_refine.pdbx_overall_ESU_R_Free                  ? 
_refine.overall_SU_ML                            ? 
_refine.overall_SU_B                             ? 
_refine.pdbx_refine_id                           'X-RAY DIFFRACTION' 
_refine.pdbx_diffrn_id                           1 
_refine.pdbx_TLS_residual_ADP_flag               ? 
_refine.correlation_coeff_Fo_to_Fc               ? 
_refine.correlation_coeff_Fo_to_Fc_free          ? 
_refine.pdbx_solvent_vdw_probe_radii             ? 
_refine.pdbx_solvent_ion_probe_radii             ? 
_refine.pdbx_solvent_shrinkage_radii             ? 
_refine.pdbx_overall_phase_error                 ? 
_refine.overall_SU_R_Cruickshank_DPI             ? 
_refine.pdbx_overall_SU_R_free_Cruickshank_DPI   ? 
_refine.pdbx_overall_SU_R_Blow_DPI               ? 
_refine.pdbx_overall_SU_R_free_Blow_DPI          ? 
# 
_refine_hist.pdbx_refine_id                   'X-RAY DIFFRACTION' 
_refine_hist.cycle_id                         LAST 
_refine_hist.pdbx_number_atoms_protein        0 
_refine_hist.pdbx_number_atoms_nucleic_acid   161 
_refine_hist.pdbx_number_atoms_ligand         0 
_refine_hist.number_atoms_solvent             34 
_refine_hist.number_atoms_total               195 
_refine_hist.d_res_high                       1.800 
_refine_hist.d_res_low                        6.000 
# 
loop_
_refine_ls_restr.type 
_refine_ls_restr.dev_ideal 
_refine_ls_restr.dev_ideal_target 
_refine_ls_restr.weight 
_refine_ls_restr.number 
_refine_ls_restr.pdbx_refine_id 
_refine_ls_restr.pdbx_restraint_function 
n_bond_d               0.011 ? ? ? 'X-RAY DIFFRACTION' ? 
n_angle_d              0.033 ? ? ? 'X-RAY DIFFRACTION' ? 
n_planar_d             ?     ? ? ? 'X-RAY DIFFRACTION' ? 
n_hb_or_metal_coord    ?     ? ? ? 'X-RAY DIFFRACTION' ? 
n_sugar_bond_it        ?     ? ? ? 'X-RAY DIFFRACTION' ? 
n_sugar_angle_it       ?     ? ? ? 'X-RAY DIFFRACTION' ? 
n_phos_bond_it         ?     ? ? ? 'X-RAY DIFFRACTION' ? 
n_phos_angle_it        ?     ? ? ? 'X-RAY DIFFRACTION' ? 
n_bond_angle_restr     ?     ? ? ? 'X-RAY DIFFRACTION' ? 
n_dihedral_angle_restr ?     ? ? ? 'X-RAY DIFFRACTION' ? 
n_impr_tor             ?     ? ? ? 'X-RAY DIFFRACTION' ? 
n_sugar_bond_d         ?     ? ? ? 'X-RAY DIFFRACTION' ? 
n_sugar_bond_angle_d   ?     ? ? ? 'X-RAY DIFFRACTION' ? 
n_phos_bond_d          ?     ? ? ? 'X-RAY DIFFRACTION' ? 
n_phos_bond_angle_d    ?     ? ? ? 'X-RAY DIFFRACTION' ? 
n_plane_restr          ?     ? ? ? 'X-RAY DIFFRACTION' ? 
n_chiral_restr         ?     ? ? ? 'X-RAY DIFFRACTION' ? 
n_singtor_nbd          ?     ? ? ? 'X-RAY DIFFRACTION' ? 
n_multtor_nbd          ?     ? ? ? 'X-RAY DIFFRACTION' ? 
n_xhyhbond_nbd         ?     ? ? ? 'X-RAY DIFFRACTION' ? 
# 
_struct.entry_id                  9DNA 
_struct.title                     'CRYSTAL STRUCTURE ANALYSIS OF AN A-DNA FRAGMENT AT 1.8 ANGSTROMS RESOLUTION. D(GCCCGGGC)' 
_struct.pdbx_model_details        ? 
_struct.pdbx_CASP_flag            ? 
_struct.pdbx_model_type_details   ? 
# 
_struct_keywords.entry_id        9DNA 
_struct_keywords.pdbx_keywords   DNA 
_struct_keywords.text            'A-DNA, DOUBLE HELIX, DNA' 
# 
loop_
_struct_asym.id 
_struct_asym.pdbx_blank_PDB_chainid_flag 
_struct_asym.pdbx_modified 
_struct_asym.entity_id 
_struct_asym.details 
A N N 1 ? 
B N N 2 ? 
# 
_struct_ref.id                         1 
_struct_ref.entity_id                  1 
_struct_ref.db_name                    PDB 
_struct_ref.db_code                    9DNA 
_struct_ref.pdbx_db_accession          9DNA 
_struct_ref.pdbx_db_isoform            ? 
_struct_ref.pdbx_seq_one_letter_code   ? 
_struct_ref.pdbx_align_begin           ? 
# 
_struct_ref_seq.align_id                      1 
_struct_ref_seq.ref_id                        1 
_struct_ref_seq.pdbx_PDB_id_code              9DNA 
_struct_ref_seq.pdbx_strand_id                A 
_struct_ref_seq.seq_align_beg                 1 
_struct_ref_seq.pdbx_seq_align_beg_ins_code   ? 
_struct_ref_seq.seq_align_end                 8 
_struct_ref_seq.pdbx_seq_align_end_ins_code   ? 
_struct_ref_seq.pdbx_db_accession             9DNA 
_struct_ref_seq.db_align_beg                  1 
_struct_ref_seq.pdbx_db_align_beg_ins_code    ? 
_struct_ref_seq.db_align_end                  8 
_struct_ref_seq.pdbx_db_align_end_ins_code    ? 
_struct_ref_seq.pdbx_auth_seq_align_beg       1 
_struct_ref_seq.pdbx_auth_seq_align_end       8 
# 
_pdbx_struct_assembly.id                   1 
_pdbx_struct_assembly.details              author_defined_assembly 
_pdbx_struct_assembly.method_details       ? 
_pdbx_struct_assembly.oligomeric_details   dimeric 
_pdbx_struct_assembly.oligomeric_count     2 
# 
_pdbx_struct_assembly_gen.assembly_id       1 
_pdbx_struct_assembly_gen.oper_expression   1,2 
_pdbx_struct_assembly_gen.asym_id_list      A,B 
# 
loop_
_pdbx_struct_oper_list.id 
_pdbx_struct_oper_list.type 
_pdbx_struct_oper_list.name 
_pdbx_struct_oper_list.symmetry_operation 
_pdbx_struct_oper_list.matrix[1][1] 
_pdbx_struct_oper_list.matrix[1][2] 
_pdbx_struct_oper_list.matrix[1][3] 
_pdbx_struct_oper_list.vector[1] 
_pdbx_struct_oper_list.matrix[2][1] 
_pdbx_struct_oper_list.matrix[2][2] 
_pdbx_struct_oper_list.matrix[2][3] 
_pdbx_struct_oper_list.vector[2] 
_pdbx_struct_oper_list.matrix[3][1] 
_pdbx_struct_oper_list.matrix[3][2] 
_pdbx_struct_oper_list.matrix[3][3] 
_pdbx_struct_oper_list.vector[3] 
1 'identity operation'         1_555 x,y,z    1.0000000000  0.0000000000 0.0000000000 0.0000000000  0.0000000000 1.0000000000  0.0000000000 0.0000000000  0.0000000000 0.0000000000 1.0000000000 0.0000000000 
2 'crystal symmetry operation' 7_556 y,x,-z+1 -0.4625672255 0.0742698922 0.8834679083 -1.5410393761 0.0742698922 -0.9897363593 0.1220898118 -5.1965781049 0.8834679083 0.1220898118 0.4523035848 1.3743049994 
# 
_struct_biol.id   1 
# 
loop_
_struct_conn.id 
_struct_conn.conn_type_id 
_struct_conn.pdbx_leaving_atom_flag 
_struct_conn.pdbx_PDB_id 
_struct_conn.ptnr1_label_asym_id 
_struct_conn.ptnr1_label_comp_id 
_struct_conn.ptnr1_label_seq_id 
_struct_conn.ptnr1_label_atom_id 
_struct_conn.pdbx_ptnr1_label_alt_id 
_struct_conn.pdbx_ptnr1_PDB_ins_code 
_struct_conn.pdbx_ptnr1_standard_comp_id 
_struct_conn.ptnr1_symmetry 
_struct_conn.ptnr2_label_asym_id 
_struct_conn.ptnr2_label_comp_id 
_struct_conn.ptnr2_label_seq_id 
_struct_conn.ptnr2_label_atom_id 
_struct_conn.pdbx_ptnr2_label_alt_id 
_struct_conn.pdbx_ptnr2_PDB_ins_code 
_struct_conn.ptnr1_auth_asym_id 
_struct_conn.ptnr1_auth_comp_id 
_struct_conn.ptnr1_auth_seq_id 
_struct_conn.ptnr2_auth_asym_id 
_struct_conn.ptnr2_auth_comp_id 
_struct_conn.ptnr2_auth_seq_id 
_struct_conn.ptnr2_symmetry 
_struct_conn.pdbx_ptnr3_label_atom_id 
_struct_conn.pdbx_ptnr3_label_seq_id 
_struct_conn.pdbx_ptnr3_label_comp_id 
_struct_conn.pdbx_ptnr3_label_asym_id 
_struct_conn.pdbx_ptnr3_label_alt_id 
_struct_conn.pdbx_ptnr3_PDB_ins_code 
_struct_conn.details 
_struct_conn.pdbx_dist_value 
_struct_conn.pdbx_value_order 
_struct_conn.pdbx_role 
hydrog1  hydrog ? ? A DG 1 N1 ? ? ? 1_555 A DC 8 N3 ? ? A DG 1 A DC 8 7_556 ? ? ? ? ? ? WATSON-CRICK ? ? ? 
hydrog2  hydrog ? ? A DG 1 N2 ? ? ? 1_555 A DC 8 O2 ? ? A DG 1 A DC 8 7_556 ? ? ? ? ? ? WATSON-CRICK ? ? ? 
hydrog3  hydrog ? ? A DG 1 O6 ? ? ? 1_555 A DC 8 N4 ? ? A DG 1 A DC 8 7_556 ? ? ? ? ? ? WATSON-CRICK ? ? ? 
hydrog4  hydrog ? ? A DC 2 N3 ? ? ? 1_555 A DG 7 N1 ? ? A DC 2 A DG 7 7_556 ? ? ? ? ? ? WATSON-CRICK ? ? ? 
hydrog5  hydrog ? ? A DC 2 N4 ? ? ? 1_555 A DG 7 O6 ? ? A DC 2 A DG 7 7_556 ? ? ? ? ? ? WATSON-CRICK ? ? ? 
hydrog6  hydrog ? ? A DC 2 O2 ? ? ? 1_555 A DG 7 N2 ? ? A DC 2 A DG 7 7_556 ? ? ? ? ? ? WATSON-CRICK ? ? ? 
hydrog7  hydrog ? ? A DC 3 N3 ? ? ? 1_555 A DG 6 N1 ? ? A DC 3 A DG 6 7_556 ? ? ? ? ? ? WATSON-CRICK ? ? ? 
hydrog8  hydrog ? ? A DC 3 N4 ? ? ? 1_555 A DG 6 O6 ? ? A DC 3 A DG 6 7_556 ? ? ? ? ? ? WATSON-CRICK ? ? ? 
hydrog9  hydrog ? ? A DC 3 O2 ? ? ? 1_555 A DG 6 N2 ? ? A DC 3 A DG 6 7_556 ? ? ? ? ? ? WATSON-CRICK ? ? ? 
hydrog10 hydrog ? ? A DC 4 N3 ? ? ? 1_555 A DG 5 N1 ? ? A DC 4 A DG 5 7_556 ? ? ? ? ? ? WATSON-CRICK ? ? ? 
hydrog11 hydrog ? ? A DC 4 N4 ? ? ? 1_555 A DG 5 O6 ? ? A DC 4 A DG 5 7_556 ? ? ? ? ? ? WATSON-CRICK ? ? ? 
hydrog12 hydrog ? ? A DC 4 O2 ? ? ? 1_555 A DG 5 N2 ? ? A DC 4 A DG 5 7_556 ? ? ? ? ? ? WATSON-CRICK ? ? ? 
hydrog13 hydrog ? ? A DG 5 N1 ? ? ? 1_555 A DC 4 N3 ? ? A DG 5 A DC 4 7_556 ? ? ? ? ? ? WATSON-CRICK ? ? ? 
hydrog14 hydrog ? ? A DG 5 N2 ? ? ? 1_555 A DC 4 O2 ? ? A DG 5 A DC 4 7_556 ? ? ? ? ? ? WATSON-CRICK ? ? ? 
hydrog15 hydrog ? ? A DG 5 O6 ? ? ? 1_555 A DC 4 N4 ? ? A DG 5 A DC 4 7_556 ? ? ? ? ? ? WATSON-CRICK ? ? ? 
hydrog16 hydrog ? ? A DG 6 N1 ? ? ? 1_555 A DC 3 N3 ? ? A DG 6 A DC 3 7_556 ? ? ? ? ? ? WATSON-CRICK ? ? ? 
hydrog17 hydrog ? ? A DG 6 N2 ? ? ? 1_555 A DC 3 O2 ? ? A DG 6 A DC 3 7_556 ? ? ? ? ? ? WATSON-CRICK ? ? ? 
hydrog18 hydrog ? ? A DG 6 O6 ? ? ? 1_555 A DC 3 N4 ? ? A DG 6 A DC 3 7_556 ? ? ? ? ? ? WATSON-CRICK ? ? ? 
hydrog19 hydrog ? ? A DG 7 N1 ? ? ? 1_555 A DC 2 N3 ? ? A DG 7 A DC 2 7_556 ? ? ? ? ? ? WATSON-CRICK ? ? ? 
hydrog20 hydrog ? ? A DG 7 N2 ? ? ? 1_555 A DC 2 O2 ? ? A DG 7 A DC 2 7_556 ? ? ? ? ? ? WATSON-CRICK ? ? ? 
hydrog21 hydrog ? ? A DG 7 O6 ? ? ? 1_555 A DC 2 N4 ? ? A DG 7 A DC 2 7_556 ? ? ? ? ? ? WATSON-CRICK ? ? ? 
hydrog22 hydrog ? ? A DC 8 N3 ? ? ? 1_555 A DG 1 N1 ? ? A DC 8 A DG 1 7_556 ? ? ? ? ? ? WATSON-CRICK ? ? ? 
hydrog23 hydrog ? ? A DC 8 N4 ? ? ? 1_555 A DG 1 O6 ? ? A DC 8 A DG 1 7_556 ? ? ? ? ? ? WATSON-CRICK ? ? ? 
hydrog24 hydrog ? ? A DC 8 O2 ? ? ? 1_555 A DG 1 N2 ? ? A DC 8 A DG 1 7_556 ? ? ? ? ? ? WATSON-CRICK ? ? ? 
# 
_struct_conn_type.id          hydrog 
_struct_conn_type.criteria    ? 
_struct_conn_type.reference   ? 
# 
_pdbx_validate_rmsd_bond.id                        1 
_pdbx_validate_rmsd_bond.PDB_model_num             1 
_pdbx_validate_rmsd_bond.auth_atom_id_1            P 
_pdbx_validate_rmsd_bond.auth_asym_id_1            A 
_pdbx_validate_rmsd_bond.auth_comp_id_1            DC 
_pdbx_validate_rmsd_bond.auth_seq_id_1             4 
_pdbx_validate_rmsd_bond.PDB_ins_code_1            ? 
_pdbx_validate_rmsd_bond.label_alt_id_1            ? 
_pdbx_validate_rmsd_bond.auth_atom_id_2            OP1 
_pdbx_validate_rmsd_bond.auth_asym_id_2            A 
_pdbx_validate_rmsd_bond.auth_comp_id_2            DC 
_pdbx_validate_rmsd_bond.auth_seq_id_2             4 
_pdbx_validate_rmsd_bond.PDB_ins_code_2            ? 
_pdbx_validate_rmsd_bond.label_alt_id_2            ? 
_pdbx_validate_rmsd_bond.bond_value                1.606 
_pdbx_validate_rmsd_bond.bond_target_value         1.485 
_pdbx_validate_rmsd_bond.bond_deviation            0.121 
_pdbx_validate_rmsd_bond.bond_standard_deviation   0.017 
_pdbx_validate_rmsd_bond.linker_flag               N 
# 
loop_
_pdbx_validate_rmsd_angle.id 
_pdbx_validate_rmsd_angle.PDB_model_num 
_pdbx_validate_rmsd_angle.auth_atom_id_1 
_pdbx_validate_rmsd_angle.auth_asym_id_1 
_pdbx_validate_rmsd_angle.auth_comp_id_1 
_pdbx_validate_rmsd_angle.auth_seq_id_1 
_pdbx_validate_rmsd_angle.PDB_ins_code_1 
_pdbx_validate_rmsd_angle.label_alt_id_1 
_pdbx_validate_rmsd_angle.auth_atom_id_2 
_pdbx_validate_rmsd_angle.auth_asym_id_2 
_pdbx_validate_rmsd_angle.auth_comp_id_2 
_pdbx_validate_rmsd_angle.auth_seq_id_2 
_pdbx_validate_rmsd_angle.PDB_ins_code_2 
_pdbx_validate_rmsd_angle.label_alt_id_2 
_pdbx_validate_rmsd_angle.auth_atom_id_3 
_pdbx_validate_rmsd_angle.auth_asym_id_3 
_pdbx_validate_rmsd_angle.auth_comp_id_3 
_pdbx_validate_rmsd_angle.auth_seq_id_3 
_pdbx_validate_rmsd_angle.PDB_ins_code_3 
_pdbx_validate_rmsd_angle.label_alt_id_3 
_pdbx_validate_rmsd_angle.angle_value 
_pdbx_validate_rmsd_angle.angle_target_value 
_pdbx_validate_rmsd_angle.angle_deviation 
_pdbx_validate_rmsd_angle.angle_standard_deviation 
_pdbx_validate_rmsd_angle.linker_flag 
1  1 C6    A DG 1 ? ? N1    A DG 1 ? ? C2    A DG 1 ? ? 119.57 125.10 -5.53  0.60 N 
2  1 N1    A DG 1 ? ? C2    A DG 1 ? ? N3    A DG 1 ? ? 128.12 123.90 4.22   0.60 N 
3  1 C5    A DG 1 ? ? C6    A DG 1 ? ? N1    A DG 1 ? ? 116.29 111.50 4.79   0.50 N 
4  1 N1    A DG 1 ? ? C6    A DG 1 ? ? O6    A DG 1 ? ? 116.11 119.90 -3.79  0.60 N 
5  1 "O4'" A DC 2 ? ? "C1'" A DC 2 ? ? N1    A DC 2 ? ? 112.15 108.30 3.85   0.30 N 
6  1 "O4'" A DC 3 ? ? "C1'" A DC 3 ? ? N1    A DC 3 ? ? 110.43 108.30 2.13   0.30 N 
7  1 "C3'" A DC 3 ? ? "O3'" A DC 3 ? ? P     A DC 4 ? ? 128.19 119.70 8.49   1.20 Y 
8  1 OP1   A DC 4 ? ? P     A DC 4 ? ? OP2   A DC 4 ? ? 106.99 119.60 -12.61 1.50 N 
9  1 "O5'" A DC 4 ? ? P     A DC 4 ? ? OP2   A DC 4 ? ? 127.27 110.70 16.57  1.20 N 
10 1 "O4'" A DC 4 ? ? "C1'" A DC 4 ? ? N1    A DC 4 ? ? 112.14 108.30 3.84   0.30 N 
11 1 N3    A DC 4 ? ? C4    A DC 4 ? ? C5    A DC 4 ? ? 118.99 121.90 -2.91  0.40 N 
12 1 P     A DG 5 ? ? "O5'" A DG 5 ? ? "C5'" A DG 5 ? ? 131.08 120.90 10.18  1.60 N 
13 1 C6    A DG 5 ? ? N1    A DG 5 ? ? C2    A DG 5 ? ? 120.60 125.10 -4.50  0.60 N 
14 1 C5    A DG 5 ? ? C6    A DG 5 ? ? N1    A DG 5 ? ? 116.90 111.50 5.40   0.50 N 
15 1 "C3'" A DG 5 ? ? "O3'" A DG 5 ? ? P     A DG 6 ? ? 131.74 119.70 12.04  1.20 Y 
16 1 "O5'" A DG 6 ? ? P     A DG 6 ? ? OP2   A DG 6 ? ? 123.81 110.70 13.11  1.20 N 
17 1 "O5'" A DG 6 ? ? "C5'" A DG 6 ? ? "C4'" A DG 6 ? ? 103.64 109.40 -5.76  0.80 N 
18 1 "O4'" A DG 6 ? ? "C1'" A DG 6 ? ? N9    A DG 6 ? ? 111.70 108.30 3.40   0.30 N 
19 1 "O5'" A DG 7 ? ? P     A DG 7 ? ? OP2   A DG 7 ? ? 99.59  105.70 -6.11  0.90 N 
20 1 "O4'" A DG 7 ? ? "C1'" A DG 7 ? ? "C2'" A DG 7 ? ? 111.39 106.80 4.59   0.50 N 
21 1 "C3'" A DG 7 ? ? "O3'" A DG 7 ? ? P     A DC 8 ? ? 134.62 119.70 14.92  1.20 Y 
22 1 "O4'" A DC 8 ? ? "C4'" A DC 8 ? ? "C3'" A DC 8 ? ? 101.04 104.50 -3.46  0.40 N 
23 1 "O4'" A DC 8 ? ? "C1'" A DC 8 ? ? N1    A DC 8 ? ? 113.95 108.30 5.65   0.30 N 
24 1 C5    A DC 8 ? ? C6    A DC 8 ? ? N1    A DC 8 ? ? 124.07 121.00 3.07   0.50 N 
25 1 N1    A DC 8 ? ? C2    A DC 8 ? ? O2    A DC 8 ? ? 124.17 118.90 5.27   0.60 N 
26 1 N3    A DC 8 ? ? C2    A DC 8 ? ? O2    A DC 8 ? ? 116.67 121.90 -5.23  0.70 N 
27 1 C5    A DC 8 ? ? C4    A DC 8 ? ? N4    A DC 8 ? ? 124.78 120.20 4.58   0.70 N 
# 
loop_
_refine_B_iso.class 
_refine_B_iso.details 
_refine_B_iso.treatment 
_refine_B_iso.pdbx_refine_id 
'ALL ATOMS'  TR isotropic 'X-RAY DIFFRACTION' 
'ALL WATERS' TR isotropic 'X-RAY DIFFRACTION' 
# 
loop_
_refine_occupancy.class 
_refine_occupancy.treatment 
_refine_occupancy.pdbx_refine_id 
'ALL ATOMS'  fix 'X-RAY DIFFRACTION' 
'ALL WATERS' fix 'X-RAY DIFFRACTION' 
# 
_pdbx_entry_details.entry_id                 9DNA 
_pdbx_entry_details.compound_details         
;THE DEOXYRIBOSE PORTION OF RESIDUE C A 8 ADOPTS A SUGAR PUCKER IN THE C3(PRIME) -EXO DOMAIN. THIS IS UNUSUAL FOR THE A-DNA CONFORMATION.
;
_pdbx_entry_details.source_details           ? 
_pdbx_entry_details.nonpolymer_details       ? 
_pdbx_entry_details.sequence_details         ? 
_pdbx_entry_details.has_ligand_of_interest   ? 
# 
loop_
_chem_comp_atom.comp_id 
_chem_comp_atom.atom_id 
_chem_comp_atom.type_symbol 
_chem_comp_atom.pdbx_aromatic_flag 
_chem_comp_atom.pdbx_stereo_config 
_chem_comp_atom.pdbx_ordinal 
DC  OP3    O N N 1  
DC  P      P N N 2  
DC  OP1    O N N 3  
DC  OP2    O N N 4  
DC  "O5'"  O N N 5  
DC  "C5'"  C N N 6  
DC  "C4'"  C N R 7  
DC  "O4'"  O N N 8  
DC  "C3'"  C N S 9  
DC  "O3'"  O N N 10 
DC  "C2'"  C N N 11 
DC  "C1'"  C N R 12 
DC  N1     N N N 13 
DC  C2     C N N 14 
DC  O2     O N N 15 
DC  N3     N N N 16 
DC  C4     C N N 17 
DC  N4     N N N 18 
DC  C5     C N N 19 
DC  C6     C N N 20 
DC  HOP3   H N N 21 
DC  HOP2   H N N 22 
DC  "H5'"  H N N 23 
DC  "H5''" H N N 24 
DC  "H4'"  H N N 25 
DC  "H3'"  H N N 26 
DC  "HO3'" H N N 27 
DC  "H2'"  H N N 28 
DC  "H2''" H N N 29 
DC  "H1'"  H N N 30 
DC  H41    H N N 31 
DC  H42    H N N 32 
DC  H5     H N N 33 
DC  H6     H N N 34 
DG  OP3    O N N 35 
DG  P      P N N 36 
DG  OP1    O N N 37 
DG  OP2    O N N 38 
DG  "O5'"  O N N 39 
DG  "C5'"  C N N 40 
DG  "C4'"  C N R 41 
DG  "O4'"  O N N 42 
DG  "C3'"  C N S 43 
DG  "O3'"  O N N 44 
DG  "C2'"  C N N 45 
DG  "C1'"  C N R 46 
DG  N9     N Y N 47 
DG  C8     C Y N 48 
DG  N7     N Y N 49 
DG  C5     C Y N 50 
DG  C6     C N N 51 
DG  O6     O N N 52 
DG  N1     N N N 53 
DG  C2     C N N 54 
DG  N2     N N N 55 
DG  N3     N N N 56 
DG  C4     C Y N 57 
DG  HOP3   H N N 58 
DG  HOP2   H N N 59 
DG  "H5'"  H N N 60 
DG  "H5''" H N N 61 
DG  "H4'"  H N N 62 
DG  "H3'"  H N N 63 
DG  "HO3'" H N N 64 
DG  "H2'"  H N N 65 
DG  "H2''" H N N 66 
DG  "H1'"  H N N 67 
DG  H8     H N N 68 
DG  H1     H N N 69 
DG  H21    H N N 70 
DG  H22    H N N 71 
HOH O      O N N 72 
HOH H1     H N N 73 
HOH H2     H N N 74 
# 
loop_
_chem_comp_bond.comp_id 
_chem_comp_bond.atom_id_1 
_chem_comp_bond.atom_id_2 
_chem_comp_bond.value_order 
_chem_comp_bond.pdbx_aromatic_flag 
_chem_comp_bond.pdbx_stereo_config 
_chem_comp_bond.pdbx_ordinal 
DC  OP3   P      sing N N 1  
DC  OP3   HOP3   sing N N 2  
DC  P     OP1    doub N N 3  
DC  P     OP2    sing N N 4  
DC  P     "O5'"  sing N N 5  
DC  OP2   HOP2   sing N N 6  
DC  "O5'" "C5'"  sing N N 7  
DC  "C5'" "C4'"  sing N N 8  
DC  "C5'" "H5'"  sing N N 9  
DC  "C5'" "H5''" sing N N 10 
DC  "C4'" "O4'"  sing N N 11 
DC  "C4'" "C3'"  sing N N 12 
DC  "C4'" "H4'"  sing N N 13 
DC  "O4'" "C1'"  sing N N 14 
DC  "C3'" "O3'"  sing N N 15 
DC  "C3'" "C2'"  sing N N 16 
DC  "C3'" "H3'"  sing N N 17 
DC  "O3'" "HO3'" sing N N 18 
DC  "C2'" "C1'"  sing N N 19 
DC  "C2'" "H2'"  sing N N 20 
DC  "C2'" "H2''" sing N N 21 
DC  "C1'" N1     sing N N 22 
DC  "C1'" "H1'"  sing N N 23 
DC  N1    C2     sing N N 24 
DC  N1    C6     sing N N 25 
DC  C2    O2     doub N N 26 
DC  C2    N3     sing N N 27 
DC  N3    C4     doub N N 28 
DC  C4    N4     sing N N 29 
DC  C4    C5     sing N N 30 
DC  N4    H41    sing N N 31 
DC  N4    H42    sing N N 32 
DC  C5    C6     doub N N 33 
DC  C5    H5     sing N N 34 
DC  C6    H6     sing N N 35 
DG  OP3   P      sing N N 36 
DG  OP3   HOP3   sing N N 37 
DG  P     OP1    doub N N 38 
DG  P     OP2    sing N N 39 
DG  P     "O5'"  sing N N 40 
DG  OP2   HOP2   sing N N 41 
DG  "O5'" "C5'"  sing N N 42 
DG  "C5'" "C4'"  sing N N 43 
DG  "C5'" "H5'"  sing N N 44 
DG  "C5'" "H5''" sing N N 45 
DG  "C4'" "O4'"  sing N N 46 
DG  "C4'" "C3'"  sing N N 47 
DG  "C4'" "H4'"  sing N N 48 
DG  "O4'" "C1'"  sing N N 49 
DG  "C3'" "O3'"  sing N N 50 
DG  "C3'" "C2'"  sing N N 51 
DG  "C3'" "H3'"  sing N N 52 
DG  "O3'" "HO3'" sing N N 53 
DG  "C2'" "C1'"  sing N N 54 
DG  "C2'" "H2'"  sing N N 55 
DG  "C2'" "H2''" sing N N 56 
DG  "C1'" N9     sing N N 57 
DG  "C1'" "H1'"  sing N N 58 
DG  N9    C8     sing Y N 59 
DG  N9    C4     sing Y N 60 
DG  C8    N7     doub Y N 61 
DG  C8    H8     sing N N 62 
DG  N7    C5     sing Y N 63 
DG  C5    C6     sing N N 64 
DG  C5    C4     doub Y N 65 
DG  C6    O6     doub N N 66 
DG  C6    N1     sing N N 67 
DG  N1    C2     sing N N 68 
DG  N1    H1     sing N N 69 
DG  C2    N2     sing N N 70 
DG  C2    N3     doub N N 71 
DG  N2    H21    sing N N 72 
DG  N2    H22    sing N N 73 
DG  N3    C4     sing N N 74 
HOH O     H1     sing N N 75 
HOH O     H2     sing N N 76 
# 
_ndb_struct_conf_na.entry_id   9DNA 
_ndb_struct_conf_na.feature    'a-form double helix' 
# 
loop_
_ndb_struct_na_base_pair.model_number 
_ndb_struct_na_base_pair.i_label_asym_id 
_ndb_struct_na_base_pair.i_label_comp_id 
_ndb_struct_na_base_pair.i_label_seq_id 
_ndb_struct_na_base_pair.i_symmetry 
_ndb_struct_na_base_pair.j_label_asym_id 
_ndb_struct_na_base_pair.j_label_comp_id 
_ndb_struct_na_base_pair.j_label_seq_id 
_ndb_struct_na_base_pair.j_symmetry 
_ndb_struct_na_base_pair.shear 
_ndb_struct_na_base_pair.stretch 
_ndb_struct_na_base_pair.stagger 
_ndb_struct_na_base_pair.buckle 
_ndb_struct_na_base_pair.propeller 
_ndb_struct_na_base_pair.opening 
_ndb_struct_na_base_pair.pair_number 
_ndb_struct_na_base_pair.pair_name 
_ndb_struct_na_base_pair.i_auth_asym_id 
_ndb_struct_na_base_pair.i_auth_seq_id 
_ndb_struct_na_base_pair.i_PDB_ins_code 
_ndb_struct_na_base_pair.j_auth_asym_id 
_ndb_struct_na_base_pair.j_auth_seq_id 
_ndb_struct_na_base_pair.j_PDB_ins_code 
_ndb_struct_na_base_pair.hbond_type_28 
_ndb_struct_na_base_pair.hbond_type_12 
1 A DG 1 1_555 A DC 8 7_556 -0.229 -0.082 0.043  -0.758 -8.838  -1.948 1 A_DG1:DC8_A A 1 ? A 8 ? 19 1 
1 A DC 2 1_555 A DG 7 7_556 0.203  -0.148 -0.235 9.201  -11.056 -1.029 2 A_DC2:DG7_A A 2 ? A 7 ? 19 1 
1 A DC 3 1_555 A DG 6 7_556 0.020  -0.113 0.063  4.683  -6.626  -1.200 3 A_DC3:DG6_A A 3 ? A 6 ? 19 1 
1 A DC 4 1_555 A DG 5 7_556 0.105  -0.067 0.387  -5.606 -2.634  -1.873 4 A_DC4:DG5_A A 4 ? A 5 ? 19 1 
1 A DG 5 1_555 A DC 4 7_556 -0.105 -0.067 0.387  5.606  -2.634  -1.873 5 A_DG5:DC4_A A 5 ? A 4 ? 19 1 
1 A DG 6 1_555 A DC 3 7_556 -0.020 -0.113 0.063  -4.683 -6.626  -1.200 6 A_DG6:DC3_A A 6 ? A 3 ? 19 1 
1 A DG 7 1_555 A DC 2 7_556 -0.203 -0.148 -0.235 -9.201 -11.056 -1.029 7 A_DG7:DC2_A A 7 ? A 2 ? 19 1 
1 A DC 8 1_555 A DG 1 7_556 0.229  -0.082 0.043  0.758  -8.838  -1.948 8 A_DC8:DG1_A A 8 ? A 1 ? 19 1 
# 
loop_
_ndb_struct_na_base_pair_step.model_number 
_ndb_struct_na_base_pair_step.i_label_asym_id_1 
_ndb_struct_na_base_pair_step.i_label_comp_id_1 
_ndb_struct_na_base_pair_step.i_label_seq_id_1 
_ndb_struct_na_base_pair_step.i_symmetry_1 
_ndb_struct_na_base_pair_step.j_label_asym_id_1 
_ndb_struct_na_base_pair_step.j_label_comp_id_1 
_ndb_struct_na_base_pair_step.j_label_seq_id_1 
_ndb_struct_na_base_pair_step.j_symmetry_1 
_ndb_struct_na_base_pair_step.i_label_asym_id_2 
_ndb_struct_na_base_pair_step.i_label_comp_id_2 
_ndb_struct_na_base_pair_step.i_label_seq_id_2 
_ndb_struct_na_base_pair_step.i_symmetry_2 
_ndb_struct_na_base_pair_step.j_label_asym_id_2 
_ndb_struct_na_base_pair_step.j_label_comp_id_2 
_ndb_struct_na_base_pair_step.j_label_seq_id_2 
_ndb_struct_na_base_pair_step.j_symmetry_2 
_ndb_struct_na_base_pair_step.shift 
_ndb_struct_na_base_pair_step.slide 
_ndb_struct_na_base_pair_step.rise 
_ndb_struct_na_base_pair_step.tilt 
_ndb_struct_na_base_pair_step.roll 
_ndb_struct_na_base_pair_step.twist 
_ndb_struct_na_base_pair_step.x_displacement 
_ndb_struct_na_base_pair_step.y_displacement 
_ndb_struct_na_base_pair_step.helical_rise 
_ndb_struct_na_base_pair_step.inclination 
_ndb_struct_na_base_pair_step.tip 
_ndb_struct_na_base_pair_step.helical_twist 
_ndb_struct_na_base_pair_step.step_number 
_ndb_struct_na_base_pair_step.step_name 
_ndb_struct_na_base_pair_step.i_auth_asym_id_1 
_ndb_struct_na_base_pair_step.i_auth_seq_id_1 
_ndb_struct_na_base_pair_step.i_PDB_ins_code_1 
_ndb_struct_na_base_pair_step.j_auth_asym_id_1 
_ndb_struct_na_base_pair_step.j_auth_seq_id_1 
_ndb_struct_na_base_pair_step.j_PDB_ins_code_1 
_ndb_struct_na_base_pair_step.i_auth_asym_id_2 
_ndb_struct_na_base_pair_step.i_auth_seq_id_2 
_ndb_struct_na_base_pair_step.i_PDB_ins_code_2 
_ndb_struct_na_base_pair_step.j_auth_asym_id_2 
_ndb_struct_na_base_pair_step.j_auth_seq_id_2 
_ndb_struct_na_base_pair_step.j_PDB_ins_code_2 
1 A DG 1 1_555 A DC 8 7_556 A DC 2 1_555 A DG 7 7_556 0.286  -1.207 3.150 -0.809 6.392  32.358 -3.135 -0.631 2.858 11.330 1.433  
32.976 1 AA_DG1DC2:DG7DC8_AA A 1 ? A 8 ? A 2 ? A 7 ? 
1 A DC 2 1_555 A DG 7 7_556 A DC 3 1_555 A DG 6 7_556 -0.079 -1.716 3.409 -1.639 9.447  32.234 -4.472 -0.124 2.809 16.564 2.874  
33.593 2 AA_DC2DC3:DG6DG7_AA A 2 ? A 7 ? A 3 ? A 6 ? 
1 A DC 3 1_555 A DG 6 7_556 A DC 4 1_555 A DG 5 7_556 0.009  -1.835 3.492 -1.025 2.631  34.392 -3.520 -0.182 3.345 4.441  1.730  
34.504 3 AA_DC3DC4:DG5DG6_AA A 3 ? A 6 ? A 4 ? A 5 ? 
1 A DC 4 1_555 A DG 5 7_556 A DG 5 1_555 A DC 4 7_556 0.000  -2.375 3.083 0.000  -1.674 21.487 -5.700 0.000  3.257 -4.480 0.000  
21.552 4 AA_DC4DG5:DC4DG5_AA A 4 ? A 5 ? A 5 ? A 4 ? 
1 A DG 5 1_555 A DC 4 7_556 A DG 6 1_555 A DC 3 7_556 -0.009 -1.835 3.492 1.025  2.631  34.392 -3.520 0.182  3.345 4.441  -1.730 
34.504 5 AA_DG5DG6:DC3DC4_AA A 5 ? A 4 ? A 6 ? A 3 ? 
1 A DG 6 1_555 A DC 3 7_556 A DG 7 1_555 A DC 2 7_556 0.079  -1.716 3.409 1.639  9.447  32.234 -4.472 0.124  2.809 16.564 -2.874 
33.593 6 AA_DG6DG7:DC2DC3_AA A 6 ? A 3 ? A 7 ? A 2 ? 
1 A DG 7 1_555 A DC 2 7_556 A DC 8 1_555 A DG 1 7_556 -0.286 -1.207 3.150 0.809  6.392  32.358 -3.135 0.631  2.858 11.329 -1.433 
32.976 7 AA_DG7DC8:DG1DC2_AA A 7 ? A 2 ? A 8 ? A 1 ? 
# 
_atom_sites.entry_id                    9DNA 
_atom_sites.fract_transf_matrix[1][1]   0.00265168 
_atom_sites.fract_transf_matrix[1][2]   -0.01160068 
_atom_sites.fract_transf_matrix[1][3]   -0.01982356 
_atom_sites.fract_transf_matrix[2][1]   -0.01960164 
_atom_sites.fract_transf_matrix[2][2]   0.00925830 
_atom_sites.fract_transf_matrix[2][3]   -0.00803992 
_atom_sites.fract_transf_matrix[3][1]   0.02103992 
_atom_sites.fract_transf_matrix[3][2]   0.03115640 
_atom_sites.fract_transf_matrix[3][3]   -0.01541824 
_atom_sites.fract_transf_vector[1]      0.762600 
_atom_sites.fract_transf_vector[2]      0.791554 
_atom_sites.fract_transf_vector[3]      0.607761 
# 
_atom_sites_footnote.id     1 
_atom_sites_footnote.text   
;THE DEOXYRIBOSE PORTION OF RESIDUE C A 8 ADOPTS A SUGAR PUCKER IN THE C3(PRIME) -EXO DOMAIN. THIS IS UNUSUAL FOR THE A-DNA CONFORMATION.
;
# 
loop_
_atom_type.symbol 
C 
N 
O 
P 
# 
loop_
_atom_site.group_PDB 
_atom_site.id 
_atom_site.type_symbol 
_atom_site.label_atom_id 
_atom_site.label_alt_id 
_atom_site.label_comp_id 
_atom_site.label_asym_id 
_atom_site.label_entity_id 
_atom_site.label_seq_id 
_atom_site.pdbx_PDB_ins_code 
_atom_site.Cartn_x 
_atom_site.Cartn_y 
_atom_site.Cartn_z 
_atom_site.occupancy 
_atom_site.B_iso_or_equiv 
_atom_site.pdbx_formal_charge 
_atom_site.auth_seq_id 
_atom_site.auth_comp_id 
_atom_site.auth_asym_id 
_atom_site.auth_atom_id 
_atom_site.pdbx_PDB_model_num 
ATOM   1   O "O5'" . DG  A 1 1 ? -13.441 -2.746  -3.494  1.00 23.61 ? 1  DG  A "O5'" 1 
ATOM   2   C "C5'" . DG  A 1 1 ? -14.559 -2.086  -4.136  1.00 22.84 ? 1  DG  A "C5'" 1 
ATOM   3   C "C4'" . DG  A 1 1 ? -14.744 -0.737  -3.477  1.00 23.51 ? 1  DG  A "C4'" 1 
ATOM   4   O "O4'" . DG  A 1 1 ? -15.218 -0.848  -2.150  1.00 24.68 ? 1  DG  A "O4'" 1 
ATOM   5   C "C3'" . DG  A 1 1 ? -13.447 0.054   -3.328  1.00 24.80 ? 1  DG  A "C3'" 1 
ATOM   6   O "O3'" . DG  A 1 1 ? -13.126 0.636   -4.584  1.00 25.05 ? 1  DG  A "O3'" 1 
ATOM   7   C "C2'" . DG  A 1 1 ? -13.763 1.016   -2.183  1.00 23.47 ? 1  DG  A "C2'" 1 
ATOM   8   C "C1'" . DG  A 1 1 ? -14.594 0.114   -1.282  1.00 23.14 ? 1  DG  A "C1'" 1 
ATOM   9   N N9    . DG  A 1 1 ? -13.796 -0.588  -0.280  1.00 21.22 ? 1  DG  A N9    1 
ATOM   10  C C8    . DG  A 1 1 ? -13.319 -1.860  -0.294  1.00 21.60 ? 1  DG  A C8    1 
ATOM   11  N N7    . DG  A 1 1 ? -12.657 -2.211  0.782   1.00 22.39 ? 1  DG  A N7    1 
ATOM   12  C C5    . DG  A 1 1 ? -12.708 -1.051  1.584   1.00 22.80 ? 1  DG  A C5    1 
ATOM   13  C C6    . DG  A 1 1 ? -12.181 -0.758  2.876   1.00 22.77 ? 1  DG  A C6    1 
ATOM   14  O O6    . DG  A 1 1 ? -11.511 -1.508  3.612   1.00 23.33 ? 1  DG  A O6    1 
ATOM   15  N N1    . DG  A 1 1 ? -12.439 0.493   3.365   1.00 22.07 ? 1  DG  A N1    1 
ATOM   16  C C2    . DG  A 1 1 ? -13.148 1.373   2.614   1.00 22.58 ? 1  DG  A C2    1 
ATOM   17  N N2    . DG  A 1 1 ? -13.307 2.591   3.171   1.00 23.76 ? 1  DG  A N2    1 
ATOM   18  N N3    . DG  A 1 1 ? -13.677 1.184   1.408   1.00 22.08 ? 1  DG  A N3    1 
ATOM   19  C C4    . DG  A 1 1 ? -13.405 -0.054  0.937   1.00 22.58 ? 1  DG  A C4    1 
ATOM   20  P P     . DC  A 1 2 ? -11.627 1.174   -4.955  1.00 28.71 ? 2  DC  A P     1 
ATOM   21  O OP1   . DC  A 1 2 ? -11.819 1.644   -6.310  1.00 25.98 ? 2  DC  A OP1   1 
ATOM   22  O OP2   . DC  A 1 2 ? -10.719 -0.023  -4.693  1.00 26.94 ? 2  DC  A OP2   1 
ATOM   23  O "O5'" . DC  A 1 2 ? -11.135 2.248   -3.864  1.00 27.60 ? 2  DC  A "O5'" 1 
ATOM   24  C "C5'" . DC  A 1 2 ? -11.531 3.642   -4.001  1.00 28.39 ? 2  DC  A "C5'" 1 
ATOM   25  C "C4'" . DC  A 1 2 ? -11.310 4.274   -2.667  1.00 27.97 ? 2  DC  A "C4'" 1 
ATOM   26  O "O4'" . DC  A 1 2 ? -11.799 3.487   -1.600  1.00 28.75 ? 2  DC  A "O4'" 1 
ATOM   27  C "C3'" . DC  A 1 2 ? -9.812  4.382   -2.353  1.00 29.88 ? 2  DC  A "C3'" 1 
ATOM   28  O "O3'" . DC  A 1 2 ? -9.221  5.378   -3.184  1.00 30.50 ? 2  DC  A "O3'" 1 
ATOM   29  C "C2'" . DC  A 1 2 ? -9.870  4.624   -0.838  1.00 27.70 ? 2  DC  A "C2'" 1 
ATOM   30  C "C1'" . DC  A 1 2 ? -10.993 3.675   -0.412  1.00 26.51 ? 2  DC  A "C1'" 1 
ATOM   31  N N1    . DC  A 1 2 ? -10.483 2.399   0.120   1.00 25.05 ? 2  DC  A N1    1 
ATOM   32  C C2    . DC  A 1 2 ? -10.030 2.355   1.428   1.00 24.00 ? 2  DC  A C2    1 
ATOM   33  O O2    . DC  A 1 2 ? -10.061 3.363   2.155   1.00 24.89 ? 2  DC  A O2    1 
ATOM   34  N N3    . DC  A 1 2 ? -9.547  1.168   1.919   1.00 22.60 ? 2  DC  A N3    1 
ATOM   35  C C4    . DC  A 1 2 ? -9.531  0.050   1.173   1.00 22.86 ? 2  DC  A C4    1 
ATOM   36  N N4    . DC  A 1 2 ? -9.030  -1.099  1.630   1.00 23.37 ? 2  DC  A N4    1 
ATOM   37  C C5    . DC  A 1 2 ? -9.982  0.086   -0.173  1.00 24.45 ? 2  DC  A C5    1 
ATOM   38  C C6    . DC  A 1 2 ? -10.425 1.270   -0.649  1.00 24.78 ? 2  DC  A C6    1 
ATOM   39  P P     . DC  A 1 3 ? -7.638  5.370   -3.432  1.00 33.48 ? 3  DC  A P     1 
ATOM   40  O OP1   . DC  A 1 3 ? -7.427  6.637   -4.256  1.00 31.89 ? 3  DC  A OP1   1 
ATOM   41  O OP2   . DC  A 1 3 ? -7.260  4.082   -4.009  1.00 33.91 ? 3  DC  A OP2   1 
ATOM   42  O "O5'" . DC  A 1 3 ? -6.802  5.618   -2.063  1.00 30.68 ? 3  DC  A "O5'" 1 
ATOM   43  C "C5'" . DC  A 1 3 ? -7.109  6.911   -1.453  1.00 30.58 ? 3  DC  A "C5'" 1 
ATOM   44  C "C4'" . DC  A 1 3 ? -6.380  6.957   -0.132  1.00 28.71 ? 3  DC  A "C4'" 1 
ATOM   45  O "O4'" . DC  A 1 3 ? -7.050  6.117   0.784   1.00 29.09 ? 3  DC  A "O4'" 1 
ATOM   46  C "C3'" . DC  A 1 3 ? -4.963  6.415   -0.155  1.00 28.08 ? 3  DC  A "C3'" 1 
ATOM   47  O "O3'" . DC  A 1 3 ? -4.008  7.337   -0.652  1.00 29.23 ? 3  DC  A "O3'" 1 
ATOM   48  C "C2'" . DC  A 1 3 ? -4.731  6.151   1.327   1.00 27.95 ? 3  DC  A "C2'" 1 
ATOM   49  C "C1'" . DC  A 1 3 ? -6.063  5.533   1.672   1.00 27.10 ? 3  DC  A "C1'" 1 
ATOM   50  N N1    . DC  A 1 3 ? -6.015  4.068   1.497   1.00 25.94 ? 3  DC  A N1    1 
ATOM   51  C C2    . DC  A 1 3 ? -5.475  3.350   2.549   1.00 24.40 ? 3  DC  A C2    1 
ATOM   52  O O2    . DC  A 1 3 ? -5.060  3.946   3.531   1.00 23.94 ? 3  DC  A O2    1 
ATOM   53  N N3    . DC  A 1 3 ? -5.494  1.979   2.435   1.00 24.64 ? 3  DC  A N3    1 
ATOM   54  C C4    . DC  A 1 3 ? -5.984  1.347   1.337   1.00 23.44 ? 3  DC  A C4    1 
ATOM   55  N N4    . DC  A 1 3 ? -5.976  0.013   1.312   1.00 22.95 ? 3  DC  A N4    1 
ATOM   56  C C5    . DC  A 1 3 ? -6.511  2.101   0.266   1.00 24.42 ? 3  DC  A C5    1 
ATOM   57  C C6    . DC  A 1 3 ? -6.521  3.430   0.405   1.00 24.66 ? 3  DC  A C6    1 
ATOM   58  P P     . DC  A 1 4 ? -2.440  7.239   -0.593  1.00 28.89 ? 4  DC  A P     1 
ATOM   59  O OP1   . DC  A 1 4 ? -1.881  8.739   -0.714  1.00 30.24 ? 4  DC  A OP1   1 
ATOM   60  O OP2   . DC  A 1 4 ? -2.207  6.599   -1.861  1.00 28.36 ? 4  DC  A OP2   1 
ATOM   61  O "O5'" . DC  A 1 4 ? -1.874  6.821   0.788   1.00 25.23 ? 4  DC  A "O5'" 1 
ATOM   62  C "C5'" . DC  A 1 4 ? -1.637  7.656   1.931   1.00 23.82 ? 4  DC  A "C5'" 1 
ATOM   63  C "C4'" . DC  A 1 4 ? -0.927  6.753   2.942   1.00 23.70 ? 4  DC  A "C4'" 1 
ATOM   64  O "O4'" . DC  A 1 4 ? -1.724  5.674   3.396   1.00 23.25 ? 4  DC  A "O4'" 1 
ATOM   65  C "C3'" . DC  A 1 4 ? 0.309   6.087   2.361   1.00 23.78 ? 4  DC  A "C3'" 1 
ATOM   66  O "O3'" . DC  A 1 4 ? 1.451   6.952   2.361   1.00 24.81 ? 4  DC  A "O3'" 1 
ATOM   67  C "C2'" . DC  A 1 4 ? 0.446   4.882   3.272   1.00 23.81 ? 4  DC  A "C2'" 1 
ATOM   68  C "C1'" . DC  A 1 4 ? -0.964  4.504   3.663   1.00 21.95 ? 4  DC  A "C1'" 1 
ATOM   69  N N1    . DC  A 1 4 ? -1.394  3.363   2.840   1.00 21.32 ? 4  DC  A N1    1 
ATOM   70  C C2    . DC  A 1 4 ? -1.045  2.092   3.272   1.00 21.20 ? 4  DC  A C2    1 
ATOM   71  O O2    . DC  A 1 4 ? -0.400  1.927   4.312   1.00 21.34 ? 4  DC  A O2    1 
ATOM   72  N N3    . DC  A 1 4 ? -1.416  0.997   2.531   1.00 20.93 ? 4  DC  A N3    1 
ATOM   73  C C4    . DC  A 1 4 ? -2.132  1.140   1.395   1.00 20.98 ? 4  DC  A C4    1 
ATOM   74  N N4    . DC  A 1 4 ? -2.460  0.046   0.684   1.00 19.72 ? 4  DC  A N4    1 
ATOM   75  C C5    . DC  A 1 4 ? -2.487  2.460   0.957   1.00 22.18 ? 4  DC  A C5    1 
ATOM   76  C C6    . DC  A 1 4 ? -2.129  3.527   1.697   1.00 20.83 ? 4  DC  A C6    1 
ATOM   77  P P     . DG  A 1 5 ? 2.809   6.436   1.755   1.00 28.62 ? 5  DG  A P     1 
ATOM   78  O OP1   . DG  A 1 5 ? 3.793   7.616   1.908   1.00 29.94 ? 5  DG  A OP1   1 
ATOM   79  O OP2   . DG  A 1 5 ? 2.718   5.917   0.383   1.00 28.24 ? 5  DG  A OP2   1 
ATOM   80  O "O5'" . DG  A 1 5 ? 3.365   5.289   2.759   1.00 27.70 ? 5  DG  A "O5'" 1 
ATOM   81  C "C5'" . DG  A 1 5 ? 4.622   4.610   2.804   1.00 25.03 ? 5  DG  A "C5'" 1 
ATOM   82  C "C4'" . DG  A 1 5 ? 4.510   3.375   3.659   1.00 22.48 ? 5  DG  A "C4'" 1 
ATOM   83  O "O4'" . DG  A 1 5 ? 3.206   2.833   3.700   1.00 21.34 ? 5  DG  A "O4'" 1 
ATOM   84  C "C3'" . DG  A 1 5 ? 5.332   2.211   3.102   1.00 22.28 ? 5  DG  A "C3'" 1 
ATOM   85  O "O3'" . DG  A 1 5 ? 6.694   2.506   3.203   1.00 23.81 ? 5  DG  A "O3'" 1 
ATOM   86  C "C2'" . DG  A 1 5 ? 4.761   1.061   3.962   1.00 20.79 ? 5  DG  A "C2'" 1 
ATOM   87  C "C1'" . DG  A 1 5 ? 3.297   1.390   3.856   1.00 18.73 ? 5  DG  A "C1'" 1 
ATOM   88  N N9    . DG  A 1 5 ? 2.641   0.737   2.702   1.00 17.73 ? 5  DG  A N9    1 
ATOM   89  C C8    . DG  A 1 5 ? 2.058   1.259   1.602   1.00 15.47 ? 5  DG  A C8    1 
ATOM   90  N N7    . DG  A 1 5 ? 1.538   0.369   0.813   1.00 17.16 ? 5  DG  A N7    1 
ATOM   91  C C5    . DG  A 1 5 ? 1.847   -0.850  1.417   1.00 17.33 ? 5  DG  A C5    1 
ATOM   92  C C6    . DG  A 1 5 ? 1.586   -2.203  1.069   1.00 17.61 ? 5  DG  A C6    1 
ATOM   93  O O6    . DG  A 1 5 ? 1.011   -2.577  0.050   1.00 17.45 ? 5  DG  A O6    1 
ATOM   94  N N1    . DG  A 1 5 ? 2.036   -3.170  1.942   1.00 17.85 ? 5  DG  A N1    1 
ATOM   95  C C2    . DG  A 1 5 ? 2.694   -2.824  3.073   1.00 18.08 ? 5  DG  A C2    1 
ATOM   96  N N2    . DG  A 1 5 ? 3.105   -3.810  3.897   1.00 17.78 ? 5  DG  A N2    1 
ATOM   97  N N3    . DG  A 1 5 ? 2.966   -1.569  3.469   1.00 18.90 ? 5  DG  A N3    1 
ATOM   98  C C4    . DG  A 1 5 ? 2.513   -0.638  2.586   1.00 18.15 ? 5  DG  A C4    1 
ATOM   99  P P     . DG  A 1 6 ? 7.974   1.981   2.365   1.00 22.52 ? 6  DG  A P     1 
ATOM   100 O OP1   . DG  A 1 6 ? 9.157   2.739   3.013   1.00 25.69 ? 6  DG  A OP1   1 
ATOM   101 O OP2   . DG  A 1 6 ? 7.722   2.227   1.011   1.00 22.65 ? 6  DG  A OP2   1 
ATOM   102 O "O5'" . DG  A 1 6 ? 7.953   0.554   3.011   1.00 22.49 ? 6  DG  A "O5'" 1 
ATOM   103 C "C5'" . DG  A 1 6 ? 8.446   0.172   4.328   1.00 22.69 ? 6  DG  A "C5'" 1 
ATOM   104 C "C4'" . DG  A 1 6 ? 8.210   -1.322  4.379   1.00 21.81 ? 6  DG  A "C4'" 1 
ATOM   105 O "O4'" . DG  A 1 6 ? 6.833   -1.576  4.198   1.00 21.45 ? 6  DG  A "O4'" 1 
ATOM   106 C "C3'" . DG  A 1 6 ? 8.865   -2.130  3.271   1.00 23.06 ? 6  DG  A "C3'" 1 
ATOM   107 O "O3'" . DG  A 1 6 ? 10.254  -2.386  3.494   1.00 25.33 ? 6  DG  A "O3'" 1 
ATOM   108 C "C2'" . DG  A 1 6 ? 8.038   -3.413  3.285   1.00 21.81 ? 6  DG  A "C2'" 1 
ATOM   109 C "C1'" . DG  A 1 6 ? 6.658   -2.843  3.539   1.00 20.29 ? 6  DG  A "C1'" 1 
ATOM   110 N N9    . DG  A 1 6 ? 5.983   -2.694  2.257   1.00 19.62 ? 6  DG  A N9    1 
ATOM   111 C C8    . DG  A 1 6 ? 5.570   -1.539  1.647   1.00 19.02 ? 6  DG  A C8    1 
ATOM   112 N N7    . DG  A 1 6 ? 4.952   -1.740  0.521   1.00 18.95 ? 6  DG  A N7    1 
ATOM   113 C C5    . DG  A 1 6 ? 4.923   -3.138  0.387   1.00 18.27 ? 6  DG  A C5    1 
ATOM   114 C C6    . DG  A 1 6 ? 4.408   -3.973  -0.626  1.00 18.25 ? 6  DG  A C6    1 
ATOM   115 O O6    . DG  A 1 6 ? 3.860   -3.632  -1.670  1.00 18.81 ? 6  DG  A O6    1 
ATOM   116 N N1    . DG  A 1 6 ? 4.489   -5.311  -0.347  1.00 20.05 ? 6  DG  A N1    1 
ATOM   117 C C2    . DG  A 1 6 ? 5.109   -5.804  0.771   1.00 18.22 ? 6  DG  A C2    1 
ATOM   118 N N2    . DG  A 1 6 ? 5.203   -7.132  0.875   1.00 18.41 ? 6  DG  A N2    1 
ATOM   119 N N3    . DG  A 1 6 ? 5.676   -5.050  1.698   1.00 18.42 ? 6  DG  A N3    1 
ATOM   120 C C4    . DG  A 1 6 ? 5.556   -3.730  1.444   1.00 18.78 ? 6  DG  A C4    1 
ATOM   121 P P     . DG  A 1 7 ? 11.263  -2.504  2.226   1.00 27.67 ? 7  DG  A P     1 
ATOM   122 O OP1   . DG  A 1 7 ? 12.564  -2.432  2.933   1.00 26.59 ? 7  DG  A OP1   1 
ATOM   123 O OP2   . DG  A 1 7 ? 10.836  -1.606  1.058   1.00 24.47 ? 7  DG  A OP2   1 
ATOM   124 O "O5'" . DG  A 1 7 ? 10.919  -3.962  1.586   1.00 25.04 ? 7  DG  A "O5'" 1 
ATOM   125 C "C5'" . DG  A 1 7 ? 11.338  -5.048  2.448   1.00 24.78 ? 7  DG  A "C5'" 1 
ATOM   126 C "C4'" . DG  A 1 7 ? 10.802  -6.304  1.786   1.00 23.58 ? 7  DG  A "C4'" 1 
ATOM   127 O "O4'" . DG  A 1 7 ? 9.392   -6.160  1.658   1.00 21.93 ? 7  DG  A "O4'" 1 
ATOM   128 C "C3'" . DG  A 1 7 ? 11.319  -6.621  0.385   1.00 22.44 ? 7  DG  A "C3'" 1 
ATOM   129 O "O3'" . DG  A 1 7 ? 12.598  -7.201  0.355   1.00 24.59 ? 7  DG  A "O3'" 1 
ATOM   130 C "C2'" . DG  A 1 7 ? 10.241  -7.606  -0.100  1.00 20.85 ? 7  DG  A "C2'" 1 
ATOM   131 C "C1'" . DG  A 1 7 ? 9.047   -6.927  0.473   1.00 20.70 ? 7  DG  A "C1'" 1 
ATOM   132 N N9    . DG  A 1 7 ? 8.453   -5.936  -0.445  1.00 19.76 ? 7  DG  A N9    1 
ATOM   133 C C8    . DG  A 1 7 ? 8.386   -4.568  -0.361  1.00 19.97 ? 7  DG  A C8    1 
ATOM   134 N N7    . DG  A 1 7 ? 7.704   -4.009  -1.339  1.00 19.01 ? 7  DG  A N7    1 
ATOM   135 C C5    . DG  A 1 7 ? 7.299   -5.107  -2.102  1.00 20.03 ? 7  DG  A C5    1 
ATOM   136 C C6    . DG  A 1 7 ? 6.495   -5.224  -3.272  1.00 20.17 ? 7  DG  A C6    1 
ATOM   137 O O6    . DG  A 1 7 ? 5.997   -4.276  -3.929  1.00 20.62 ? 7  DG  A O6    1 
ATOM   138 N N1    . DG  A 1 7 ? 6.320   -6.519  -3.678  1.00 19.91 ? 7  DG  A N1    1 
ATOM   139 C C2    . DG  A 1 7 ? 6.840   -7.593  -3.060  1.00 19.32 ? 7  DG  A C2    1 
ATOM   140 N N2    . DG  A 1 7 ? 6.622   -8.795  -3.602  1.00 20.56 ? 7  DG  A N2    1 
ATOM   141 N N3    . DG  A 1 7 ? 7.580   -7.562  -1.956  1.00 19.06 ? 7  DG  A N3    1 
ATOM   142 C C4    . DG  A 1 7 ? 7.743   -6.297  -1.544  1.00 19.41 ? 7  DG  A C4    1 
ATOM   143 P P     . DC  A 1 8 ? 13.690  -7.380  -0.735  1.00 25.47 ? 8  DC  A P     1 
ATOM   144 O OP1   . DC  A 1 8 ? 14.826  -7.976  0.013   1.00 28.92 ? 8  DC  A OP1   1 
ATOM   145 O OP2   . DC  A 1 8 ? 13.824  -5.993  -1.156  1.00 28.02 ? 8  DC  A OP2   1 
ATOM   146 O "O5'" . DC  A 1 8 ? 13.240  -8.340  -1.863  1.00 28.93 ? 8  DC  A "O5'" 1 
ATOM   147 C "C5'" . DC  A 1 8 ? 12.698  -9.609  -1.405  1.00 28.73 ? 8  DC  A "C5'" 1 
ATOM   148 C "C4'" . DC  A 1 8 ? 11.997  -10.347 -2.525  1.00 29.15 ? 8  DC  A "C4'" 1 
ATOM   149 O "O4'" . DC  A 1 8 ? 10.890  -9.703  -3.089  1.00 28.16 ? 8  DC  A "O4'" 1 
ATOM   150 C "C3'" . DC  A 1 8 ? 12.857  -10.607 -3.775  1.00 30.23 ? 8  DC  A "C3'" 1 
ATOM   151 O "O3'" . DC  A 1 8 ? 12.392  -11.880 -4.258  1.00 32.32 ? 8  DC  A "O3'" 1 
ATOM   152 C "C2'" . DC  A 1 8 ? 12.630  -9.348  -4.609  1.00 29.11 ? 8  DC  A "C2'" 1 
ATOM   153 C "C1'" . DC  A 1 8 ? 11.115  -9.181  -4.404  1.00 27.13 ? 8  DC  A "C1'" 1 
ATOM   154 N N1    . DC  A 1 8 ? 10.640  -7.776  -4.589  1.00 25.67 ? 8  DC  A N1    1 
ATOM   155 C C2    . DC  A 1 8 ? 9.672   -7.629  -5.581  1.00 24.73 ? 8  DC  A C2    1 
ATOM   156 O O2    . DC  A 1 8 ? 9.253   -8.556  -6.285  1.00 25.13 ? 8  DC  A O2    1 
ATOM   157 N N3    . DC  A 1 8 ? 9.147   -6.390  -5.821  1.00 23.52 ? 8  DC  A N3    1 
ATOM   158 C C4    . DC  A 1 8 ? 9.559   -5.318  -5.132  1.00 22.69 ? 8  DC  A C4    1 
ATOM   159 N N4    . DC  A 1 8 ? 8.963   -4.176  -5.472  1.00 23.25 ? 8  DC  A N4    1 
ATOM   160 C C5    . DC  A 1 8 ? 10.508  -5.455  -4.093  1.00 23.03 ? 8  DC  A C5    1 
ATOM   161 C C6    . DC  A 1 8 ? 10.995  -6.674  -3.874  1.00 23.59 ? 8  DC  A C6    1 
HETATM 162 O O     . HOH B 2 . ? -13.543 -0.001  -8.030  1.00 42.42 ? 9  HOH A O     1 
HETATM 163 O O     . HOH B 2 . ? -12.611 6.247   4.232   1.00 41.60 ? 10 HOH A O     1 
HETATM 164 O O     . HOH B 2 . ? -0.513  4.256   -2.059  1.00 39.67 ? 11 HOH A O     1 
HETATM 165 O O     . HOH B 2 . ? -1.172  8.606   -3.603  1.00 48.33 ? 12 HOH A O     1 
HETATM 166 O O     . HOH B 2 . ? -1.735  11.131  -2.221  1.00 33.93 ? 13 HOH A O     1 
HETATM 167 O O     . HOH B 2 . ? 5.926   8.105   3.016   1.00 39.57 ? 14 HOH A O     1 
HETATM 168 O O     . HOH B 2 . ? 6.830   3.296   -1.020  1.00 37.17 ? 15 HOH A O     1 
HETATM 169 O O     . HOH B 2 . ? 5.127   0.337   -1.297  1.00 32.61 ? 16 HOH A O     1 
HETATM 170 O O     . HOH B 2 . ? 13.135  0.389   4.341   1.00 57.51 ? 17 HOH A O     1 
HETATM 171 O O     . HOH B 2 . ? 12.794  -4.153  -2.359  1.00 34.80 ? 18 HOH A O     1 
HETATM 172 O O     . HOH B 2 . ? -1.408  14.085  2.870   1.00 38.56 ? 19 HOH A O     1 
HETATM 173 O O     . HOH B 2 . ? -10.857 -4.055  3.650   1.00 27.29 ? 20 HOH A O     1 
HETATM 174 O O     . HOH B 2 . ? -6.146  -2.253  -5.612  1.00 59.96 ? 21 HOH A O     1 
HETATM 175 O O     . HOH B 2 . ? 6.584   -1.073  6.886   1.00 32.30 ? 22 HOH A O     1 
HETATM 176 O O     . HOH B 2 . ? -5.223  10.029  -0.100  1.00 31.03 ? 23 HOH A O     1 
HETATM 177 O O     . HOH B 2 . ? -10.328 7.458   -3.637  1.00 43.34 ? 24 HOH A O     1 
HETATM 178 O O     . HOH B 2 . ? -0.809  11.331  2.851   1.00 56.49 ? 25 HOH A O     1 
HETATM 179 O O     . HOH B 2 . ? -12.266 -7.197  5.855   1.00 40.72 ? 26 HOH A O     1 
HETATM 180 O O     . HOH B 2 . ? 8.696   5.021   1.852   1.00 47.38 ? 27 HOH A O     1 
HETATM 181 O O     . HOH B 2 . ? -6.966  9.963   -4.905  1.00 49.06 ? 28 HOH A O     1 
HETATM 182 O O     . HOH B 2 . ? 10.051  -1.962  -3.671  1.00 27.49 ? 29 HOH A O     1 
HETATM 183 O O     . HOH B 2 . ? 8.024   -9.901  -1.652  1.00 38.59 ? 30 HOH A O     1 
HETATM 184 O O     . HOH B 2 . ? -9.004  -4.879  -3.594  1.00 33.51 ? 31 HOH A O     1 
HETATM 185 O O     . HOH B 2 . ? 0.740   9.992   0.170   1.00 53.50 ? 32 HOH A O     1 
HETATM 186 O O     . HOH B 2 . ? 0.202   -1.620  -2.948  1.00 51.23 ? 33 HOH A O     1 
HETATM 187 O O     . HOH B 2 . ? -3.660  10.382  1.683   1.00 47.74 ? 34 HOH A O     1 
HETATM 188 O O     . HOH B 2 . ? -10.806 5.765   2.471   1.00 42.44 ? 35 HOH A O     1 
HETATM 189 O O     . HOH B 2 . ? -6.240  -2.501  -0.667  1.00 53.45 ? 36 HOH A O     1 
HETATM 190 O O     . HOH B 2 . ? -3.555  0.489   -2.042  1.00 38.81 ? 37 HOH A O     1 
HETATM 191 O O     . HOH B 2 . ? 2.725   -1.576  -2.329  1.00 28.92 ? 38 HOH A O     1 
HETATM 192 O O     . HOH B 2 . ? 7.924   -1.280  -2.080  1.00 33.15 ? 39 HOH A O     1 
HETATM 193 O O     . HOH B 2 . ? -13.448 0.742   -11.252 1.00 55.87 ? 40 HOH A O     1 
HETATM 194 O O     . HOH B 2 . ? -0.391  0.568   -2.079  1.00 54.08 ? 41 HOH A O     1 
HETATM 195 O O     . HOH B 2 . ? 3.669   -1.310  5.787   1.00 43.30 ? 42 HOH A O     1 
# 
